data_1MAM
#
_entry.id   1MAM
#
_cell.length_a   75.730
_cell.length_b   126.820
_cell.length_c   46.820
_cell.angle_alpha   90.00
_cell.angle_beta   90.00
_cell.angle_gamma   90.00
#
_symmetry.space_group_name_H-M   'P 21 21 21'
#
loop_
_entity.id
_entity.type
_entity.pdbx_description
1 polymer 'IGG2B-KAPPA YST9.1 FAB (LIGHT CHAIN)'
2 polymer 'IGG2B-KAPPA YST9.1 FAB (HEAVY CHAIN)'
#
loop_
_entity_poly.entity_id
_entity_poly.type
_entity_poly.pdbx_seq_one_letter_code
_entity_poly.pdbx_strand_id
1 'polypeptide(L)'
;DIQMTQTTSSLSASLGDRVTISCRASQDIYNYLNWYQQKPDGTVKLLIYYTSRLHSGVPSRFSGSGSGTDYSLTISNLNQ
EDMATYICQQGNTLPFTFGSGTKLEIKRADAAPTVSIFPPSSEQLTSGGASVVCFLNNFYPKDINVKWKIDGSERQNGVL
NSWTDQDSKDSTYSMSSTLTLTKDEYERHNSYTCEATHKTSTSPIVKSFNRNEC
;
L
2 'polypeptide(L)'
;EVKLVESGGGLVQPGGSLRLSCATSGFTFTDYYMSWVRQPPGKALEWLGFIRNKADGYTTEYSASVKGRFTISRDNSQSI
LYLQMNTLRAEDSATYYCTRDPYGPAAYWGQGTLVTVSAAKTTPPSVYPLAPGCGDTTGSSVTLGCLVKGYFPESVTVTW
NSGSLSSSVHTFPALLQSGLYTMSSSVTVPSSTWPSQTVTCSVAHPASSTTVDKKLE
;
H
#
# COMPACT_ATOMS: atom_id res chain seq x y z
N ASP A 1 -27.15 8.58 -5.85
CA ASP A 1 -26.85 7.34 -6.53
C ASP A 1 -26.84 6.31 -5.43
N ILE A 2 -26.83 5.06 -5.83
CA ILE A 2 -26.99 3.95 -4.94
C ILE A 2 -25.73 3.87 -4.12
N GLN A 3 -25.89 3.81 -2.80
CA GLN A 3 -24.78 3.69 -1.88
C GLN A 3 -24.68 2.18 -1.61
N MET A 4 -23.47 1.68 -1.77
CA MET A 4 -23.12 0.34 -1.45
C MET A 4 -22.46 0.46 -0.10
N THR A 5 -22.93 -0.42 0.73
CA THR A 5 -22.51 -0.46 2.09
C THR A 5 -21.95 -1.83 2.40
N GLN A 6 -20.69 -1.89 2.86
CA GLN A 6 -20.16 -3.15 3.36
C GLN A 6 -19.99 -2.86 4.84
N THR A 7 -20.88 -3.57 5.54
CA THR A 7 -20.79 -3.61 6.98
C THR A 7 -19.62 -4.59 7.10
N THR A 8 -18.85 -4.44 8.19
CA THR A 8 -17.58 -5.18 8.33
C THR A 8 -16.50 -4.72 7.31
N SER A 9 -15.47 -4.14 7.88
CA SER A 9 -14.29 -3.77 7.13
C SER A 9 -13.12 -4.69 7.50
N SER A 10 -13.19 -5.44 8.59
CA SER A 10 -12.11 -6.33 8.94
C SER A 10 -12.69 -7.63 9.37
N LEU A 11 -12.01 -8.65 8.93
CA LEU A 11 -12.45 -9.96 9.25
C LEU A 11 -11.28 -10.92 9.32
N SER A 12 -11.38 -11.89 10.18
CA SER A 12 -10.26 -12.78 10.37
C SER A 12 -10.80 -14.18 10.42
N ALA A 13 -10.19 -15.04 9.62
CA ALA A 13 -10.57 -16.44 9.52
C ALA A 13 -9.32 -17.24 9.21
N SER A 14 -9.28 -18.37 9.85
CA SER A 14 -8.08 -19.17 9.98
C SER A 14 -7.39 -19.95 8.88
N LEU A 15 -8.21 -20.36 7.91
CA LEU A 15 -7.89 -21.14 6.70
C LEU A 15 -7.40 -22.48 7.21
N GLY A 16 -8.80 -22.88 6.83
CA GLY A 16 -9.82 -24.09 6.70
C GLY A 16 -11.49 -23.63 6.55
N ASP A 17 -11.89 -22.34 6.83
CA ASP A 17 -13.26 -21.84 7.04
C ASP A 17 -13.94 -21.36 5.78
N ARG A 18 -15.23 -21.09 6.14
CA ARG A 18 -16.18 -20.55 5.16
C ARG A 18 -16.50 -19.09 5.54
N VAL A 19 -15.97 -18.19 4.74
CA VAL A 19 -16.15 -16.76 4.95
C VAL A 19 -17.41 -16.30 4.22
N THR A 20 -18.17 -15.38 4.77
CA THR A 20 -19.23 -14.74 4.02
C THR A 20 -19.03 -13.23 4.21
N ILE A 21 -19.17 -12.45 3.14
CA ILE A 21 -19.06 -11.00 3.27
C ILE A 21 -20.22 -10.43 2.45
N SER A 22 -20.87 -9.57 3.24
CA SER A 22 -22.08 -8.87 2.82
C SER A 22 -21.94 -7.55 2.07
N CYS A 23 -22.93 -7.23 1.26
CA CYS A 23 -22.97 -5.98 0.57
C CYS A 23 -24.43 -5.65 0.46
N ARG A 24 -24.71 -4.44 0.89
CA ARG A 24 -26.06 -3.99 0.78
C ARG A 24 -26.08 -2.83 -0.18
N ALA A 25 -27.08 -2.75 -1.05
CA ALA A 25 -27.24 -1.65 -1.99
C ALA A 25 -28.33 -0.72 -1.46
N SER A 26 -28.40 0.56 -1.75
CA SER A 26 -29.41 1.39 -1.13
C SER A 26 -30.73 1.43 -1.89
N GLN A 27 -30.67 0.99 -3.14
CA GLN A 27 -31.77 0.91 -4.08
C GLN A 27 -31.74 -0.54 -4.49
N ASP A 28 -32.88 -1.06 -4.94
CA ASP A 28 -32.90 -2.35 -5.60
C ASP A 28 -31.97 -2.27 -6.82
N ILE A 29 -31.14 -3.29 -6.94
CA ILE A 29 -30.11 -3.33 -7.97
C ILE A 29 -30.34 -4.30 -9.11
N TYR A 30 -31.39 -5.11 -9.05
CA TYR A 30 -31.73 -6.17 -10.02
C TYR A 30 -30.52 -7.02 -10.44
N ASN A 31 -29.79 -7.52 -9.42
CA ASN A 31 -28.66 -8.43 -9.58
C ASN A 31 -27.43 -7.95 -10.38
N TYR A 32 -27.30 -6.65 -10.68
CA TYR A 32 -26.08 -6.18 -11.37
C TYR A 32 -25.07 -5.84 -10.31
N LEU A 33 -24.55 -6.90 -9.68
CA LEU A 33 -23.60 -6.79 -8.62
C LEU A 33 -22.33 -7.56 -8.91
N ASN A 34 -21.22 -6.85 -8.83
CA ASN A 34 -19.91 -7.43 -9.04
C ASN A 34 -19.04 -7.38 -7.82
N TRP A 35 -18.27 -8.43 -7.63
CA TRP A 35 -17.35 -8.59 -6.53
C TRP A 35 -15.93 -8.57 -7.03
N TYR A 36 -15.04 -7.77 -6.44
CA TYR A 36 -13.61 -7.61 -6.76
C TYR A 36 -12.71 -7.98 -5.59
N GLN A 37 -11.48 -8.33 -5.91
CA GLN A 37 -10.45 -8.66 -4.96
C GLN A 37 -9.36 -7.61 -5.08
N GLN A 38 -9.01 -6.86 -4.02
CA GLN A 38 -7.92 -5.94 -4.12
C GLN A 38 -6.82 -6.41 -3.21
N LYS A 39 -5.67 -6.60 -3.82
CA LYS A 39 -4.50 -7.04 -3.12
C LYS A 39 -3.82 -5.83 -2.52
N PRO A 40 -2.91 -5.97 -1.51
CA PRO A 40 -2.23 -4.85 -0.82
C PRO A 40 -1.54 -3.92 -1.79
N ASP A 41 -1.04 -4.47 -2.87
CA ASP A 41 -0.49 -3.60 -3.87
C ASP A 41 -1.64 -3.07 -4.73
N GLY A 42 -1.32 -2.26 -5.74
CA GLY A 42 -2.42 -2.16 -6.82
C GLY A 42 -3.68 -2.98 -6.92
N THR A 43 -3.38 -4.05 -7.62
CA THR A 43 -4.22 -5.12 -8.12
C THR A 43 -5.21 -5.91 -7.32
N VAL A 44 -6.48 -5.81 -7.67
CA VAL A 44 -7.88 -5.65 -8.45
C VAL A 44 -8.19 -6.62 -9.55
N LYS A 45 -8.89 -7.66 -9.14
CA LYS A 45 -9.37 -8.65 -10.08
C LYS A 45 -10.84 -8.79 -9.88
N LEU A 46 -11.57 -8.98 -10.96
CA LEU A 46 -12.99 -9.22 -10.87
C LEU A 46 -13.16 -10.72 -10.63
N LEU A 47 -13.92 -11.04 -9.59
CA LEU A 47 -14.13 -12.41 -9.19
C LEU A 47 -15.52 -12.85 -9.67
N ILE A 48 -16.55 -12.06 -9.47
CA ILE A 48 -17.91 -12.45 -9.86
C ILE A 48 -18.65 -11.27 -10.43
N TYR A 49 -19.38 -11.54 -11.49
CA TYR A 49 -20.19 -10.53 -12.15
C TYR A 49 -21.61 -11.10 -12.17
N TYR A 50 -22.58 -10.18 -12.18
CA TYR A 50 -23.99 -10.49 -12.16
C TYR A 50 -24.41 -11.46 -11.06
N THR A 51 -24.18 -11.03 -9.83
CA THR A 51 -24.48 -11.75 -8.60
C THR A 51 -23.98 -13.22 -8.48
N SER A 52 -23.12 -13.71 -9.34
CA SER A 52 -23.33 -15.44 -9.13
C SER A 52 -22.27 -15.92 -10.16
N ARG A 53 -22.04 -15.23 -11.30
CA ARG A 53 -21.16 -15.74 -12.35
C ARG A 53 -19.69 -15.59 -12.00
N LEU A 54 -18.99 -16.70 -12.11
CA LEU A 54 -17.55 -16.68 -11.87
C LEU A 54 -16.81 -16.21 -13.13
N HIS A 55 -15.94 -15.23 -13.04
CA HIS A 55 -15.10 -14.85 -14.15
C HIS A 55 -14.07 -15.95 -14.32
N SER A 56 -13.72 -16.44 -15.52
CA SER A 56 -12.68 -17.46 -15.68
C SER A 56 -11.41 -17.11 -14.90
N GLY A 57 -10.80 -18.17 -14.39
CA GLY A 57 -9.64 -17.99 -13.57
C GLY A 57 -10.10 -18.07 -12.14
N VAL A 58 -11.32 -17.63 -11.79
CA VAL A 58 -11.67 -17.64 -10.38
C VAL A 58 -11.98 -19.05 -9.83
N PRO A 59 -11.38 -19.46 -8.68
CA PRO A 59 -11.64 -20.70 -8.03
C PRO A 59 -13.08 -20.91 -7.60
N SER A 60 -13.61 -22.12 -7.86
CA SER A 60 -14.92 -22.56 -7.43
C SER A 60 -15.16 -22.46 -5.94
N ARG A 61 -14.15 -22.14 -5.10
CA ARG A 61 -14.36 -21.91 -3.66
C ARG A 61 -15.09 -20.56 -3.45
N PHE A 62 -15.20 -19.71 -4.47
CA PHE A 62 -15.92 -18.47 -4.35
C PHE A 62 -17.31 -18.64 -4.95
N SER A 63 -18.33 -18.27 -4.18
CA SER A 63 -19.70 -18.23 -4.57
C SER A 63 -20.29 -16.83 -4.37
N GLY A 64 -21.10 -16.32 -5.27
CA GLY A 64 -21.86 -15.11 -5.02
C GLY A 64 -23.34 -15.46 -5.15
N SER A 65 -24.21 -14.73 -4.46
CA SER A 65 -25.65 -14.85 -4.50
C SER A 65 -26.40 -13.68 -3.82
N GLY A 66 -27.72 -13.69 -3.80
CA GLY A 66 -28.52 -12.64 -3.18
C GLY A 66 -29.45 -11.95 -4.17
N SER A 67 -30.30 -11.07 -3.70
CA SER A 67 -31.33 -10.49 -4.52
C SER A 67 -31.64 -9.05 -4.09
N GLY A 68 -32.63 -8.39 -4.71
CA GLY A 68 -33.06 -7.01 -4.42
C GLY A 68 -31.95 -6.07 -3.97
N THR A 69 -31.87 -5.86 -2.66
CA THR A 69 -30.85 -5.02 -2.03
C THR A 69 -29.68 -5.76 -1.41
N ASP A 70 -29.77 -7.04 -1.13
CA ASP A 70 -28.77 -7.69 -0.30
C ASP A 70 -28.04 -8.87 -0.91
N TYR A 71 -26.71 -8.81 -0.93
CA TYR A 71 -25.86 -9.78 -1.62
C TYR A 71 -24.67 -10.27 -0.79
N SER A 72 -24.21 -11.47 -1.13
CA SER A 72 -23.12 -12.16 -0.47
C SER A 72 -22.21 -12.90 -1.41
N LEU A 73 -20.94 -12.78 -1.00
CA LEU A 73 -19.80 -13.50 -1.48
C LEU A 73 -19.50 -14.47 -0.33
N THR A 74 -19.31 -15.75 -0.69
CA THR A 74 -18.82 -16.81 0.22
C THR A 74 -17.51 -17.46 -0.30
N ILE A 75 -16.56 -17.62 0.62
CA ILE A 75 -15.27 -18.27 0.32
C ILE A 75 -15.40 -19.54 1.16
N SER A 76 -15.71 -20.61 0.46
CA SER A 76 -16.03 -21.88 1.04
C SER A 76 -14.93 -22.46 1.88
N ASN A 77 -13.71 -22.47 1.30
CA ASN A 77 -12.62 -22.95 2.13
C ASN A 77 -11.48 -22.00 1.91
N LEU A 78 -11.31 -21.19 2.94
CA LEU A 78 -10.34 -20.13 2.86
C LEU A 78 -8.91 -20.67 2.65
N ASN A 79 -8.21 -20.07 1.68
CA ASN A 79 -6.87 -20.47 1.31
C ASN A 79 -6.01 -19.30 1.68
N GLN A 80 -4.76 -19.55 2.04
CA GLN A 80 -3.78 -18.50 2.35
C GLN A 80 -3.75 -17.33 1.32
N GLU A 81 -3.61 -17.57 0.04
CA GLU A 81 -3.73 -16.53 -1.00
C GLU A 81 -5.05 -15.71 -1.08
N ASP A 82 -6.10 -16.00 -0.29
CA ASP A 82 -7.29 -15.19 -0.26
C ASP A 82 -7.18 -13.95 0.60
N MET A 83 -6.12 -13.63 1.35
CA MET A 83 -6.05 -12.32 2.02
C MET A 83 -6.05 -11.18 0.98
N ALA A 84 -7.06 -10.32 1.16
CA ALA A 84 -7.34 -9.20 0.26
C ALA A 84 -8.51 -8.43 0.80
N THR A 85 -8.84 -7.28 0.23
CA THR A 85 -10.06 -6.66 0.61
C THR A 85 -11.00 -6.83 -0.57
N TYR A 86 -12.20 -7.26 -0.22
CA TYR A 86 -13.24 -7.63 -1.16
C TYR A 86 -14.24 -6.53 -1.32
N ILE A 87 -14.56 -6.21 -2.56
CA ILE A 87 -15.36 -5.04 -2.87
C ILE A 87 -16.59 -5.47 -3.68
N CYS A 88 -17.72 -4.85 -3.51
CA CYS A 88 -18.89 -5.01 -4.41
C CYS A 88 -19.19 -3.71 -5.15
N GLN A 89 -19.68 -3.73 -6.35
CA GLN A 89 -20.08 -2.49 -6.96
C GLN A 89 -21.35 -2.76 -7.71
N GLN A 90 -22.23 -1.80 -7.71
CA GLN A 90 -23.49 -1.95 -8.42
C GLN A 90 -23.28 -1.48 -9.84
N GLY A 91 -23.77 -2.20 -10.83
CA GLY A 91 -23.63 -1.75 -12.18
C GLY A 91 -25.02 -1.53 -12.71
N ASN A 92 -26.03 -1.28 -11.88
CA ASN A 92 -27.43 -1.17 -12.35
C ASN A 92 -27.80 0.25 -12.73
N THR A 93 -27.24 1.32 -12.14
CA THR A 93 -27.57 2.67 -12.48
C THR A 93 -26.27 3.46 -12.49
N LEU A 94 -26.10 4.37 -13.44
CA LEU A 94 -24.93 5.21 -13.40
C LEU A 94 -25.18 6.32 -12.35
N PRO A 95 -24.12 6.76 -11.67
CA PRO A 95 -22.76 6.20 -11.81
C PRO A 95 -22.58 4.96 -10.96
N PHE A 96 -21.63 4.17 -11.49
CA PHE A 96 -21.16 2.97 -10.81
C PHE A 96 -20.46 3.38 -9.52
N THR A 97 -20.90 2.64 -8.48
CA THR A 97 -20.51 2.85 -7.11
C THR A 97 -20.05 1.60 -6.41
N PHE A 98 -18.97 1.74 -5.71
CA PHE A 98 -18.33 0.62 -5.12
C PHE A 98 -18.54 0.65 -3.64
N GLY A 99 -18.51 -0.52 -3.00
CA GLY A 99 -18.57 -0.61 -1.57
C GLY A 99 -17.20 -0.19 -1.02
N SER A 100 -17.24 0.18 0.25
CA SER A 100 -16.05 0.52 1.03
C SER A 100 -14.96 -0.55 0.98
N GLY A 101 -15.35 -1.82 1.14
CA GLY A 101 -14.49 -3.00 1.04
C GLY A 101 -14.43 -3.75 2.33
N THR A 102 -14.13 -5.05 2.36
CA THR A 102 -13.86 -5.75 3.62
C THR A 102 -12.48 -6.38 3.52
N LYS A 103 -11.51 -6.01 4.38
CA LYS A 103 -10.22 -6.64 4.39
C LYS A 103 -10.41 -7.98 5.13
N LEU A 104 -9.74 -8.96 4.58
CA LEU A 104 -9.73 -10.28 5.13
C LEU A 104 -8.33 -10.60 5.61
N GLU A 105 -8.22 -10.65 6.93
CA GLU A 105 -6.98 -11.08 7.55
C GLU A 105 -7.07 -12.60 7.81
N ILE A 106 -5.92 -13.26 7.57
CA ILE A 106 -5.75 -14.68 7.91
C ILE A 106 -5.41 -14.90 9.39
N LYS A 107 -6.24 -15.64 10.11
CA LYS A 107 -5.96 -15.93 11.50
C LYS A 107 -4.85 -16.93 11.62
N ARG A 108 -3.98 -16.55 12.51
CA ARG A 108 -2.73 -17.21 12.70
C ARG A 108 -2.48 -17.31 14.19
N ALA A 109 -1.61 -18.29 14.50
CA ALA A 109 -1.02 -18.45 15.82
C ALA A 109 -0.22 -17.20 16.24
N ASP A 110 -0.32 -16.74 17.51
CA ASP A 110 0.42 -15.57 17.95
C ASP A 110 1.92 -15.77 17.91
N ALA A 111 2.55 -14.70 17.49
CA ALA A 111 3.98 -14.66 17.34
C ALA A 111 4.40 -13.36 18.02
N ALA A 112 5.48 -13.56 18.77
CA ALA A 112 6.10 -12.56 19.62
C ALA A 112 7.08 -11.75 18.76
N PRO A 113 7.13 -10.41 18.92
CA PRO A 113 7.95 -9.58 18.02
C PRO A 113 9.43 -9.75 18.32
N THR A 114 10.25 -9.68 17.29
CA THR A 114 11.65 -9.62 17.57
C THR A 114 12.16 -8.22 17.35
N VAL A 115 12.54 -7.61 18.47
CA VAL A 115 12.93 -6.22 18.41
C VAL A 115 14.36 -5.94 17.91
N SER A 116 14.55 -4.83 17.18
CA SER A 116 15.84 -4.39 16.70
C SER A 116 15.89 -2.87 16.93
N ILE A 117 16.96 -2.24 17.39
CA ILE A 117 17.03 -0.81 17.72
C ILE A 117 18.38 -0.26 17.25
N PHE A 118 18.27 0.87 16.57
CA PHE A 118 19.39 1.48 15.89
C PHE A 118 19.62 2.89 16.35
N PRO A 119 20.90 3.21 16.56
CA PRO A 119 21.40 4.56 16.75
C PRO A 119 21.44 5.41 15.48
N PRO A 120 21.40 6.74 15.52
CA PRO A 120 21.62 7.62 14.39
C PRO A 120 22.84 7.35 13.53
N SER A 121 22.75 7.63 12.22
CA SER A 121 23.91 7.46 11.37
C SER A 121 24.79 8.69 11.56
N SER A 122 26.10 8.57 11.29
CA SER A 122 27.05 9.64 11.37
C SER A 122 26.53 10.67 10.42
N GLU A 123 26.07 10.24 9.24
CA GLU A 123 25.50 11.07 8.20
C GLU A 123 24.35 11.87 8.74
N GLN A 124 23.20 11.37 9.18
CA GLN A 124 22.18 12.23 9.82
C GLN A 124 22.70 13.14 10.92
N LEU A 125 23.48 12.60 11.83
CA LEU A 125 23.99 13.38 12.95
C LEU A 125 24.83 14.57 12.54
N THR A 126 25.72 14.43 11.55
CA THR A 126 26.55 15.52 11.08
C THR A 126 25.73 16.57 10.33
N SER A 127 24.53 16.12 9.92
CA SER A 127 23.53 16.90 9.25
C SER A 127 22.40 17.23 10.26
N GLY A 128 22.75 17.67 11.48
CA GLY A 128 21.85 18.30 12.47
C GLY A 128 20.80 17.57 13.30
N GLY A 129 20.34 16.36 12.99
CA GLY A 129 19.29 15.73 13.74
C GLY A 129 19.64 14.27 14.05
N ALA A 130 18.81 13.64 14.89
CA ALA A 130 19.03 12.26 15.30
C ALA A 130 17.68 11.53 15.38
N SER A 131 17.64 10.33 14.88
CA SER A 131 16.41 9.58 14.82
C SER A 131 16.82 8.25 15.38
N VAL A 132 16.14 7.76 16.40
CA VAL A 132 16.44 6.48 16.96
C VAL A 132 15.32 5.61 16.41
N VAL A 133 15.72 4.47 15.80
CA VAL A 133 14.78 3.63 15.05
C VAL A 133 14.66 2.25 15.68
N CYS A 134 13.46 1.70 15.69
CA CYS A 134 13.17 0.49 16.37
C CYS A 134 12.28 -0.37 15.49
N PHE A 135 12.83 -1.46 14.95
CA PHE A 135 12.10 -2.35 14.12
C PHE A 135 11.56 -3.45 14.99
N LEU A 136 10.27 -3.70 14.94
CA LEU A 136 9.66 -4.72 15.78
C LEU A 136 8.96 -5.65 14.86
N ASN A 137 9.71 -6.71 14.73
CA ASN A 137 9.46 -7.64 13.65
C ASN A 137 8.69 -8.89 13.85
N ASN A 138 7.98 -9.18 12.77
CA ASN A 138 7.24 -10.40 12.54
C ASN A 138 6.41 -10.98 13.67
N PHE A 139 5.31 -10.32 13.98
CA PHE A 139 4.49 -10.72 15.08
C PHE A 139 3.04 -10.99 14.66
N TYR A 140 2.22 -11.53 15.54
CA TYR A 140 0.79 -11.69 15.35
C TYR A 140 0.25 -11.75 16.78
N PRO A 141 -0.94 -11.15 17.05
CA PRO A 141 -1.67 -10.20 16.22
C PRO A 141 -1.17 -8.78 15.89
N LYS A 142 -1.89 -8.13 14.97
CA LYS A 142 -1.58 -6.77 14.52
C LYS A 142 -1.38 -5.77 15.68
N ASP A 143 -2.33 -5.75 16.63
CA ASP A 143 -2.36 -4.87 17.78
C ASP A 143 -1.12 -5.11 18.70
N ILE A 144 -0.38 -4.01 18.91
CA ILE A 144 0.88 -3.93 19.67
C ILE A 144 1.11 -2.47 20.10
N ASN A 145 1.77 -2.07 21.17
CA ASN A 145 1.91 -0.66 21.48
C ASN A 145 3.33 -0.36 21.89
N VAL A 146 4.05 0.45 21.07
CA VAL A 146 5.44 0.79 21.41
C VAL A 146 5.45 2.10 22.14
N LYS A 147 6.36 2.28 23.10
CA LYS A 147 6.63 3.55 23.75
C LYS A 147 8.14 3.70 23.88
N TRP A 148 8.60 4.90 23.55
CA TRP A 148 10.01 5.30 23.61
C TRP A 148 10.30 5.93 24.94
N LYS A 149 11.19 5.41 25.73
CA LYS A 149 11.58 6.16 26.91
C LYS A 149 12.96 6.70 26.67
N ILE A 150 13.18 8.01 26.88
CA ILE A 150 14.56 8.50 26.85
C ILE A 150 14.99 8.78 28.27
N ASP A 151 16.11 8.10 28.55
CA ASP A 151 16.68 8.08 29.90
C ASP A 151 15.61 7.70 30.96
N GLY A 152 14.59 6.83 30.70
CA GLY A 152 13.55 6.55 31.69
C GLY A 152 12.18 7.31 31.56
N SER A 153 12.06 8.44 30.85
CA SER A 153 10.76 9.08 30.57
C SER A 153 10.16 8.84 29.17
N GLU A 154 8.89 8.40 29.09
CA GLU A 154 8.20 8.27 27.81
C GLU A 154 8.28 9.58 26.98
N ARG A 155 8.47 9.48 25.67
CA ARG A 155 8.50 10.65 24.81
C ARG A 155 7.33 10.50 23.87
N GLN A 156 6.73 11.67 23.70
CA GLN A 156 5.48 11.84 23.00
C GLN A 156 5.71 12.50 21.65
N ASN A 157 6.29 13.68 21.68
CA ASN A 157 6.54 14.41 20.43
C ASN A 157 7.73 13.83 19.70
N GLY A 158 7.40 13.47 18.49
CA GLY A 158 8.44 13.03 17.56
C GLY A 158 8.43 11.55 17.21
N VAL A 159 7.37 10.77 17.51
CA VAL A 159 7.32 9.34 17.14
C VAL A 159 6.55 8.99 15.83
N LEU A 160 7.15 8.34 14.82
CA LEU A 160 6.40 7.84 13.66
C LEU A 160 6.33 6.31 13.81
N ASN A 161 5.20 5.67 13.48
CA ASN A 161 4.91 4.24 13.66
C ASN A 161 4.11 3.78 12.48
N SER A 162 4.64 2.87 11.70
CA SER A 162 3.92 2.28 10.60
C SER A 162 4.09 0.77 10.61
N TRP A 163 3.08 0.06 10.15
CA TRP A 163 3.11 -1.38 10.13
C TRP A 163 3.15 -1.81 8.70
N THR A 164 3.55 -3.02 8.39
CA THR A 164 3.46 -3.56 7.05
C THR A 164 2.07 -4.21 6.97
N ASP A 165 1.56 -4.61 5.79
CA ASP A 165 0.26 -5.27 5.79
C ASP A 165 0.61 -6.73 6.09
N GLN A 166 -0.39 -7.60 6.20
CA GLN A 166 -0.08 -8.96 6.56
C GLN A 166 0.82 -9.60 5.53
N ASP A 167 1.76 -10.34 6.07
CA ASP A 167 2.65 -11.03 5.22
C ASP A 167 1.88 -12.10 4.48
N SER A 168 2.16 -11.99 3.22
CA SER A 168 1.72 -12.89 2.16
C SER A 168 2.14 -14.35 2.43
N LYS A 169 3.44 -14.57 2.78
CA LYS A 169 4.02 -15.90 3.02
C LYS A 169 3.80 -16.44 4.42
N ASP A 170 3.71 -15.66 5.50
CA ASP A 170 3.54 -16.22 6.83
C ASP A 170 2.57 -15.61 7.79
N SER A 171 1.87 -14.60 7.33
CA SER A 171 0.81 -13.92 8.07
C SER A 171 1.12 -13.13 9.34
N THR A 172 2.35 -12.64 9.47
CA THR A 172 2.65 -11.74 10.57
C THR A 172 2.69 -10.30 10.06
N TYR A 173 2.92 -9.36 10.93
CA TYR A 173 3.05 -7.95 10.66
C TYR A 173 4.41 -7.50 11.21
N SER A 174 4.94 -6.38 10.73
CA SER A 174 6.14 -5.80 11.30
C SER A 174 5.74 -4.32 11.39
N MET A 175 6.43 -3.61 12.24
CA MET A 175 6.16 -2.24 12.53
C MET A 175 7.55 -1.59 12.69
N SER A 176 7.57 -0.32 12.32
CA SER A 176 8.73 0.52 12.46
C SER A 176 8.26 1.67 13.35
N SER A 177 9.14 2.06 14.24
CA SER A 177 8.98 3.16 15.17
C SER A 177 10.26 3.96 15.16
N THR A 178 10.07 5.24 14.89
CA THR A 178 11.16 6.19 14.81
C THR A 178 10.89 7.40 15.70
N LEU A 179 11.88 7.71 16.49
CA LEU A 179 11.86 8.86 17.37
C LEU A 179 12.83 9.83 16.70
N THR A 180 12.45 11.07 16.47
CA THR A 180 13.35 12.03 15.92
C THR A 180 13.64 13.10 17.01
N LEU A 181 14.82 13.69 17.01
CA LEU A 181 15.26 14.66 17.96
C LEU A 181 16.36 15.45 17.24
N THR A 182 16.82 16.52 17.88
CA THR A 182 18.04 17.23 17.51
C THR A 182 19.28 16.42 17.94
N LYS A 183 20.38 16.65 17.18
CA LYS A 183 21.71 16.17 17.51
C LYS A 183 21.89 16.59 18.96
N ASP A 184 21.68 17.86 19.30
CA ASP A 184 21.75 18.26 20.70
C ASP A 184 20.85 17.64 21.76
N GLU A 185 19.57 17.31 21.49
CA GLU A 185 18.80 16.70 22.54
C GLU A 185 19.30 15.29 22.83
N TYR A 186 19.71 14.73 21.68
CA TYR A 186 20.30 13.42 21.62
C TYR A 186 21.62 13.44 22.39
N GLU A 187 22.63 14.28 22.10
CA GLU A 187 23.89 14.34 22.87
C GLU A 187 23.71 14.54 24.37
N ARG A 188 22.59 15.04 24.80
CA ARG A 188 22.34 15.18 26.20
C ARG A 188 21.79 13.97 26.92
N HIS A 189 21.41 12.83 26.32
CA HIS A 189 20.88 11.75 27.12
C HIS A 189 21.67 10.53 26.80
N ASN A 190 21.55 9.47 27.59
CA ASN A 190 22.33 8.25 27.33
C ASN A 190 21.44 7.06 26.96
N SER A 191 20.52 6.59 27.80
CA SER A 191 19.70 5.45 27.46
C SER A 191 18.55 5.79 26.52
N TYR A 192 18.39 4.94 25.50
CA TYR A 192 17.29 5.08 24.58
C TYR A 192 16.66 3.69 24.54
N THR A 193 15.42 3.61 24.96
CA THR A 193 14.63 2.38 25.05
C THR A 193 13.42 2.46 24.12
N CYS A 194 13.00 1.29 23.71
CA CYS A 194 11.88 1.10 22.83
C CYS A 194 11.19 0.00 23.55
N GLU A 195 10.06 0.29 24.13
CA GLU A 195 9.27 -0.62 24.91
C GLU A 195 7.91 -0.97 24.24
N ALA A 196 7.83 -2.22 23.78
CA ALA A 196 6.69 -2.78 23.03
C ALA A 196 5.87 -3.68 23.96
N THR A 197 4.55 -3.57 23.91
CA THR A 197 3.63 -4.27 24.76
C THR A 197 2.81 -5.06 23.72
N HIS A 198 2.62 -6.37 23.88
CA HIS A 198 1.96 -7.21 22.89
C HIS A 198 1.23 -8.37 23.57
N LYS A 199 0.15 -8.89 22.95
CA LYS A 199 -0.64 -10.04 23.37
C LYS A 199 0.21 -11.20 23.87
N THR A 200 1.28 -11.52 23.18
CA THR A 200 2.15 -12.64 23.59
C THR A 200 2.90 -12.45 24.93
N SER A 201 2.76 -11.37 25.71
CA SER A 201 3.54 -11.30 26.93
C SER A 201 2.81 -10.50 27.99
N THR A 202 3.30 -10.64 29.21
CA THR A 202 2.74 -10.06 30.43
C THR A 202 3.50 -8.76 30.70
N SER A 203 4.81 -8.83 30.40
CA SER A 203 5.68 -7.69 30.68
C SER A 203 6.08 -7.05 29.37
N PRO A 204 6.21 -5.71 29.23
CA PRO A 204 6.73 -5.03 28.03
C PRO A 204 8.02 -5.67 27.63
N ILE A 205 8.26 -5.81 26.34
CA ILE A 205 9.53 -6.29 25.89
C ILE A 205 10.30 -5.09 25.29
N VAL A 206 11.48 -4.99 25.86
CA VAL A 206 12.30 -3.81 25.81
C VAL A 206 13.65 -4.01 25.13
N LYS A 207 14.02 -3.03 24.29
CA LYS A 207 15.37 -2.94 23.80
C LYS A 207 15.80 -1.50 24.01
N SER A 208 17.08 -1.40 24.30
CA SER A 208 17.69 -0.14 24.69
C SER A 208 19.11 -0.08 24.23
N PHE A 209 19.67 1.11 24.06
CA PHE A 209 21.12 1.28 23.95
C PHE A 209 21.43 2.56 24.69
N ASN A 210 22.60 2.54 25.33
CA ASN A 210 22.99 3.66 26.15
C ASN A 210 23.85 4.75 25.53
N ARG A 211 24.30 4.70 24.29
CA ARG A 211 25.07 5.82 23.71
C ARG A 211 26.32 6.22 24.50
N ASN A 212 27.09 5.36 25.17
CA ASN A 212 28.04 5.94 26.27
C ASN A 212 28.77 4.61 26.03
N GLU A 213 27.95 3.55 26.02
CA GLU A 213 28.21 2.17 25.59
C GLU A 213 29.13 1.96 24.38
N CYS A 214 28.95 2.89 23.44
CA CYS A 214 29.48 2.68 22.12
C CYS A 214 30.36 3.89 21.84
N GLU B 1 -0.08 -12.38 -22.62
CA GLU B 1 -0.39 -11.40 -21.64
C GLU B 1 -1.47 -10.59 -22.37
N VAL B 2 -2.23 -9.81 -21.61
CA VAL B 2 -3.29 -8.96 -22.08
C VAL B 2 -2.87 -7.80 -21.20
N LYS B 3 -2.01 -6.92 -21.71
CA LYS B 3 -1.51 -5.82 -20.90
C LYS B 3 -2.32 -4.56 -21.02
N LEU B 4 -2.47 -3.88 -19.88
CA LEU B 4 -3.00 -2.51 -19.80
C LEU B 4 -2.09 -1.87 -18.71
N VAL B 5 -1.28 -0.89 -19.12
CA VAL B 5 -0.22 -0.26 -18.30
C VAL B 5 -0.61 1.23 -18.23
N GLU B 6 -0.84 1.90 -17.08
CA GLU B 6 -1.21 3.32 -17.04
C GLU B 6 0.04 4.16 -16.99
N SER B 7 0.10 5.37 -17.57
CA SER B 7 1.32 6.13 -17.45
C SER B 7 1.36 7.64 -17.16
N GLY B 8 0.41 8.58 -17.19
CA GLY B 8 0.84 9.99 -16.98
C GLY B 8 0.96 10.47 -15.53
N GLY B 9 1.09 9.64 -14.50
CA GLY B 9 1.02 10.15 -13.13
C GLY B 9 2.21 11.03 -12.70
N GLY B 10 2.10 11.68 -11.56
CA GLY B 10 3.11 12.54 -10.99
C GLY B 10 2.40 13.65 -10.26
N LEU B 11 3.19 14.65 -9.91
CA LEU B 11 2.77 15.81 -9.17
C LEU B 11 2.29 16.89 -10.11
N VAL B 12 1.12 17.44 -9.87
CA VAL B 12 0.62 18.59 -10.61
C VAL B 12 0.26 19.65 -9.58
N GLN B 13 0.34 20.94 -9.89
CA GLN B 13 0.00 21.92 -8.89
C GLN B 13 -1.53 22.14 -9.04
N PRO B 14 -2.26 22.69 -8.09
CA PRO B 14 -3.70 22.94 -8.26
C PRO B 14 -4.02 23.94 -9.41
N GLY B 15 -5.17 23.69 -10.03
CA GLY B 15 -5.62 24.39 -11.23
C GLY B 15 -4.98 23.88 -12.52
N GLY B 16 -3.98 23.01 -12.38
CA GLY B 16 -3.24 22.41 -13.47
C GLY B 16 -4.05 21.25 -14.01
N SER B 17 -3.49 20.77 -15.12
CA SER B 17 -3.99 19.62 -15.88
C SER B 17 -2.93 18.57 -16.22
N LEU B 18 -3.37 17.33 -16.55
CA LEU B 18 -2.55 16.18 -16.85
C LEU B 18 -3.30 15.23 -17.80
N ARG B 19 -2.52 14.65 -18.71
CA ARG B 19 -2.94 13.70 -19.71
C ARG B 19 -2.58 12.32 -19.21
N LEU B 20 -3.53 11.46 -18.88
CA LEU B 20 -3.19 10.13 -18.43
C LEU B 20 -3.34 9.22 -19.65
N SER B 21 -2.44 8.28 -19.90
CA SER B 21 -2.60 7.40 -21.03
C SER B 21 -2.62 5.92 -20.66
N CYS B 22 -3.30 5.10 -21.43
CA CYS B 22 -3.37 3.71 -21.06
C CYS B 22 -2.98 2.83 -22.23
N ALA B 23 -1.95 2.02 -22.06
CA ALA B 23 -1.48 1.22 -23.18
C ALA B 23 -1.97 -0.18 -22.96
N THR B 24 -2.29 -0.89 -24.05
CA THR B 24 -2.97 -2.19 -24.02
C THR B 24 -2.27 -3.12 -25.02
N SER B 25 -2.40 -4.44 -24.93
CA SER B 25 -1.83 -5.35 -25.91
C SER B 25 -2.46 -6.73 -25.74
N GLY B 26 -2.58 -7.47 -26.86
CA GLY B 26 -3.03 -8.85 -26.83
C GLY B 26 -4.56 -9.07 -26.92
N PHE B 27 -5.33 -8.09 -27.38
CA PHE B 27 -6.77 -8.21 -27.57
C PHE B 27 -7.15 -7.11 -28.54
N THR B 28 -8.36 -7.18 -29.05
CA THR B 28 -8.81 -6.16 -29.95
C THR B 28 -9.35 -4.96 -29.15
N PHE B 29 -8.54 -3.92 -29.02
CA PHE B 29 -8.91 -2.76 -28.23
C PHE B 29 -10.19 -2.07 -28.70
N THR B 30 -10.49 -2.13 -30.00
CA THR B 30 -11.72 -1.58 -30.57
C THR B 30 -12.99 -2.26 -30.03
N ASP B 31 -12.82 -3.51 -29.58
CA ASP B 31 -13.88 -4.38 -29.15
C ASP B 31 -14.42 -4.10 -27.78
N TYR B 32 -13.58 -3.48 -26.98
CA TYR B 32 -13.88 -3.25 -25.58
C TYR B 32 -14.15 -1.85 -25.08
N TYR B 33 -15.04 -1.88 -24.12
CA TYR B 33 -15.35 -0.72 -23.31
C TYR B 33 -14.11 -0.50 -22.53
N MET B 34 -13.64 0.73 -22.54
CA MET B 34 -12.43 1.13 -21.85
C MET B 34 -12.86 2.16 -20.81
N SER B 35 -12.49 1.91 -19.54
CA SER B 35 -12.95 2.70 -18.39
C SER B 35 -11.88 3.29 -17.48
N TRP B 36 -12.11 4.46 -16.86
CA TRP B 36 -11.22 5.01 -15.83
C TRP B 36 -11.94 5.12 -14.47
N VAL B 37 -11.27 4.64 -13.44
CA VAL B 37 -11.74 4.54 -12.06
C VAL B 37 -10.63 5.25 -11.30
N ARG B 38 -10.84 5.64 -10.03
CA ARG B 38 -9.73 6.06 -9.21
C ARG B 38 -10.02 5.65 -7.80
N GLN B 39 -8.97 5.55 -7.02
CA GLN B 39 -9.14 5.36 -5.62
C GLN B 39 -8.39 6.48 -4.91
N PRO B 40 -9.07 7.43 -4.31
CA PRO B 40 -8.44 8.38 -3.42
C PRO B 40 -7.85 7.65 -2.20
N PRO B 41 -6.84 8.21 -1.54
CA PRO B 41 -6.33 7.66 -0.30
C PRO B 41 -7.46 7.71 0.69
N GLY B 42 -7.65 6.49 1.19
CA GLY B 42 -8.66 6.24 2.17
C GLY B 42 -9.76 5.54 1.44
N LYS B 43 -10.46 6.46 0.85
CA LYS B 43 -11.70 6.21 0.19
C LYS B 43 -11.87 5.01 -0.74
N ALA B 44 -13.15 4.80 -0.98
CA ALA B 44 -13.64 3.77 -1.84
C ALA B 44 -13.23 4.04 -3.28
N LEU B 45 -13.48 3.06 -4.12
CA LEU B 45 -13.19 3.25 -5.52
C LEU B 45 -14.33 4.13 -6.08
N GLU B 46 -13.96 5.00 -7.03
CA GLU B 46 -14.85 5.98 -7.63
C GLU B 46 -14.79 5.88 -9.15
N TRP B 47 -15.89 5.49 -9.82
CA TRP B 47 -15.82 5.44 -11.27
C TRP B 47 -15.88 6.88 -11.78
N LEU B 48 -15.04 7.13 -12.80
CA LEU B 48 -14.99 8.44 -13.42
C LEU B 48 -15.69 8.47 -14.77
N GLY B 49 -15.58 7.50 -15.66
CA GLY B 49 -16.16 7.54 -16.99
C GLY B 49 -15.71 6.39 -17.90
N PHE B 50 -16.45 5.93 -18.88
CA PHE B 50 -15.96 4.95 -19.85
C PHE B 50 -16.18 5.50 -21.25
N ILE B 51 -15.56 4.83 -22.20
CA ILE B 51 -15.82 5.03 -23.62
C ILE B 51 -16.21 3.65 -24.26
N ARG B 52 -17.33 3.59 -24.96
CA ARG B 52 -17.83 2.37 -25.65
C ARG B 52 -16.92 1.86 -26.76
N ASN B 53 -17.37 0.79 -27.34
CA ASN B 53 -16.60 0.10 -28.37
C ASN B 53 -17.24 0.30 -29.73
N LYS B 54 -16.42 0.02 -30.76
CA LYS B 54 -16.91 0.01 -32.11
C LYS B 54 -17.97 -1.08 -32.18
N ALA B 55 -19.25 -0.60 -32.23
CA ALA B 55 -20.51 -1.35 -32.33
C ALA B 55 -21.69 -0.41 -32.39
N ASP B 56 -21.64 0.49 -31.38
CA ASP B 56 -21.92 1.60 -30.44
C ASP B 56 -21.19 2.92 -30.74
N GLY B 57 -20.41 2.94 -31.81
CA GLY B 57 -19.49 4.07 -32.03
C GLY B 57 -18.55 4.11 -30.81
N TYR B 58 -17.77 5.16 -30.60
CA TYR B 58 -16.97 5.06 -29.38
C TYR B 58 -17.48 6.05 -28.36
N THR B 59 -18.82 6.01 -28.11
CA THR B 59 -19.50 7.00 -27.30
C THR B 59 -19.04 7.03 -25.84
N THR B 60 -18.98 8.14 -25.11
CA THR B 60 -18.47 8.19 -23.74
C THR B 60 -19.48 8.44 -22.66
N GLU B 61 -19.34 7.86 -21.48
CA GLU B 61 -20.14 8.16 -20.31
C GLU B 61 -19.22 8.80 -19.30
N TYR B 62 -19.60 9.70 -18.41
CA TYR B 62 -18.76 10.38 -17.43
C TYR B 62 -19.47 10.54 -16.10
N SER B 63 -18.91 10.63 -14.90
CA SER B 63 -19.78 10.82 -13.76
C SER B 63 -20.00 12.32 -13.53
N ALA B 64 -21.07 12.71 -12.85
CA ALA B 64 -21.43 14.10 -12.53
C ALA B 64 -20.30 15.00 -12.10
N SER B 65 -19.43 14.36 -11.29
CA SER B 65 -18.21 14.96 -10.74
C SER B 65 -17.14 15.39 -11.71
N VAL B 66 -16.98 14.70 -12.84
CA VAL B 66 -15.86 14.95 -13.73
C VAL B 66 -16.32 15.39 -15.10
N LYS B 67 -17.62 15.21 -15.43
CA LYS B 67 -18.18 15.64 -16.70
C LYS B 67 -17.76 17.09 -16.95
N GLY B 68 -17.29 17.35 -18.18
CA GLY B 68 -16.89 18.67 -18.65
C GLY B 68 -15.47 19.02 -18.25
N ARG B 69 -14.96 18.45 -17.17
CA ARG B 69 -13.64 18.71 -16.64
C ARG B 69 -12.67 17.62 -17.09
N PHE B 70 -13.07 16.35 -17.12
CA PHE B 70 -12.24 15.28 -17.64
C PHE B 70 -12.90 14.84 -18.95
N THR B 71 -12.06 14.29 -19.80
CA THR B 71 -12.50 13.87 -21.09
C THR B 71 -11.77 12.61 -21.50
N ILE B 72 -12.50 11.58 -21.94
CA ILE B 72 -11.83 10.36 -22.32
C ILE B 72 -11.80 10.33 -23.83
N SER B 73 -10.62 9.98 -24.34
CA SER B 73 -10.40 9.80 -25.77
C SER B 73 -9.73 8.46 -25.91
N ARG B 74 -9.57 8.08 -27.16
CA ARG B 74 -9.19 6.76 -27.55
C ARG B 74 -8.41 6.98 -28.82
N ASP B 75 -7.42 6.16 -29.05
CA ASP B 75 -6.75 6.13 -30.33
C ASP B 75 -6.79 4.63 -30.60
N ASN B 76 -7.35 4.33 -31.76
CA ASN B 76 -7.44 2.95 -32.17
C ASN B 76 -6.40 2.51 -33.16
N SER B 77 -5.35 3.28 -33.44
CA SER B 77 -4.30 2.81 -34.35
C SER B 77 -3.15 2.24 -33.51
N GLN B 78 -2.72 3.09 -32.56
CA GLN B 78 -1.72 2.82 -31.53
C GLN B 78 -2.18 1.92 -30.39
N SER B 79 -3.52 1.97 -30.17
CA SER B 79 -4.25 1.25 -29.14
C SER B 79 -3.82 1.73 -27.74
N ILE B 80 -3.74 3.07 -27.58
CA ILE B 80 -4.10 4.01 -26.53
C ILE B 80 -5.31 4.82 -26.12
N LEU B 81 -5.73 4.52 -24.90
CA LEU B 81 -6.82 5.24 -24.24
C LEU B 81 -6.30 6.52 -23.53
N TYR B 82 -6.98 7.69 -23.42
CA TYR B 82 -6.43 8.85 -22.66
C TYR B 82 -7.42 9.37 -21.69
N LEU B 83 -7.04 10.09 -20.65
CA LEU B 83 -7.94 10.73 -19.70
C LEU B 83 -7.30 12.11 -19.48
N GLN B 84 -7.94 13.13 -20.03
CA GLN B 84 -7.45 14.48 -19.88
C GLN B 84 -8.27 15.00 -18.74
N MET B 85 -7.51 15.37 -17.75
CA MET B 85 -7.97 15.96 -16.51
C MET B 85 -7.68 17.46 -16.42
N ASN B 86 -8.65 18.32 -16.14
CA ASN B 86 -8.35 19.73 -16.07
C ASN B 86 -8.71 20.28 -14.70
N THR B 87 -8.23 21.49 -14.37
CA THR B 87 -8.64 22.20 -13.17
C THR B 87 -8.67 21.24 -11.99
N LEU B 88 -7.46 20.70 -11.76
CA LEU B 88 -7.28 19.67 -10.78
C LEU B 88 -7.13 20.32 -9.42
N ARG B 89 -7.83 19.66 -8.52
CA ARG B 89 -7.95 20.11 -7.18
C ARG B 89 -7.22 19.05 -6.40
N ALA B 90 -6.93 19.39 -5.16
CA ALA B 90 -6.31 18.53 -4.24
C ALA B 90 -7.17 17.27 -4.08
N GLU B 91 -8.51 17.33 -4.15
CA GLU B 91 -9.30 16.12 -3.95
C GLU B 91 -9.17 15.17 -5.13
N ASP B 92 -8.52 15.59 -6.21
CA ASP B 92 -8.32 14.73 -7.31
C ASP B 92 -7.07 13.88 -7.10
N SER B 93 -6.35 13.98 -6.01
CA SER B 93 -5.21 13.09 -5.83
C SER B 93 -5.72 11.64 -5.60
N ALA B 94 -5.17 10.63 -6.29
CA ALA B 94 -5.62 9.26 -6.24
C ALA B 94 -4.76 8.38 -7.12
N THR B 95 -5.01 7.08 -6.98
CA THR B 95 -4.37 6.12 -7.86
C THR B 95 -5.44 5.97 -8.94
N TYR B 96 -5.09 6.07 -10.22
CA TYR B 96 -6.05 6.02 -11.31
C TYR B 96 -5.83 4.77 -12.12
N TYR B 97 -7.01 4.18 -12.40
CA TYR B 97 -7.06 2.86 -13.01
C TYR B 97 -7.63 2.84 -14.39
N CYS B 98 -6.93 2.17 -15.24
CA CYS B 98 -7.39 1.95 -16.56
C CYS B 98 -8.00 0.56 -16.54
N THR B 99 -9.12 0.40 -17.24
CA THR B 99 -9.82 -0.88 -17.24
C THR B 99 -10.42 -1.29 -18.58
N ARG B 100 -10.35 -2.55 -18.91
CA ARG B 100 -11.00 -3.11 -20.09
C ARG B 100 -12.30 -3.74 -19.54
N ASP B 101 -13.37 -3.80 -20.31
CA ASP B 101 -14.68 -4.33 -20.00
C ASP B 101 -15.34 -3.90 -18.68
N PRO B 102 -15.73 -3.00 -18.32
CA PRO B 102 -16.57 -2.65 -17.20
C PRO B 102 -17.77 -3.53 -16.90
N TYR B 103 -18.40 -4.14 -17.91
CA TYR B 103 -19.66 -4.74 -17.56
C TYR B 103 -19.53 -6.23 -17.27
N GLY B 104 -18.32 -6.75 -16.98
CA GLY B 104 -18.24 -8.13 -16.59
C GLY B 104 -17.16 -8.92 -17.28
N PRO B 105 -17.50 -9.83 -18.16
CA PRO B 105 -16.75 -11.05 -18.37
C PRO B 105 -15.31 -10.96 -18.82
N ALA B 106 -14.87 -9.90 -19.50
CA ALA B 106 -13.49 -9.79 -19.91
C ALA B 106 -12.74 -8.79 -19.02
N ALA B 107 -13.14 -8.51 -17.77
CA ALA B 107 -12.43 -7.60 -16.86
C ALA B 107 -10.93 -7.80 -16.70
N TYR B 108 -10.35 -6.61 -16.83
CA TYR B 108 -8.93 -6.41 -16.71
C TYR B 108 -8.57 -4.98 -16.34
N TRP B 109 -8.09 -4.86 -15.10
CA TRP B 109 -7.65 -3.60 -14.50
C TRP B 109 -6.12 -3.52 -14.60
N GLY B 110 -5.56 -2.34 -14.87
CA GLY B 110 -4.12 -2.10 -14.81
C GLY B 110 -3.78 -1.91 -13.33
N GLN B 111 -2.64 -1.30 -12.99
CA GLN B 111 -2.23 -1.28 -11.56
C GLN B 111 -2.25 0.07 -10.87
N GLY B 112 -2.66 1.03 -11.73
CA GLY B 112 -2.79 2.40 -11.33
C GLY B 112 -1.55 3.22 -11.54
N THR B 113 -1.74 4.50 -11.74
CA THR B 113 -0.68 5.49 -11.63
C THR B 113 -1.16 6.40 -10.51
N LEU B 114 -0.23 6.92 -9.71
CA LEU B 114 -0.53 7.90 -8.65
C LEU B 114 -0.55 9.41 -9.03
N VAL B 115 -1.63 10.24 -8.96
CA VAL B 115 -1.37 11.67 -9.16
C VAL B 115 -1.44 12.38 -7.79
N THR B 116 -0.56 13.33 -7.57
CA THR B 116 -0.66 14.16 -6.38
C THR B 116 -0.99 15.49 -7.00
N VAL B 117 -2.12 16.06 -6.64
CA VAL B 117 -2.36 17.40 -7.03
C VAL B 117 -2.05 18.17 -5.73
N SER B 118 -0.93 18.89 -5.81
CA SER B 118 -0.46 19.70 -4.73
C SER B 118 0.47 20.85 -5.15
N ALA B 119 0.32 21.81 -4.27
CA ALA B 119 1.14 23.00 -4.28
C ALA B 119 2.54 22.84 -3.57
N ALA B 120 2.89 21.66 -3.02
CA ALA B 120 4.27 21.46 -2.56
C ALA B 120 5.13 21.10 -3.74
N LYS B 121 6.43 21.33 -3.51
CA LYS B 121 7.41 21.06 -4.55
C LYS B 121 8.17 19.75 -4.37
N THR B 122 8.78 19.19 -5.42
CA THR B 122 9.54 17.96 -5.31
C THR B 122 10.71 18.08 -4.32
N THR B 123 10.88 17.06 -3.47
CA THR B 123 11.93 17.04 -2.50
C THR B 123 12.50 15.61 -2.63
N PRO B 124 13.80 15.47 -2.87
CA PRO B 124 14.46 14.18 -2.91
C PRO B 124 14.75 13.73 -1.48
N PRO B 125 14.77 12.42 -1.21
CA PRO B 125 15.00 11.91 0.14
C PRO B 125 16.41 12.16 0.68
N SER B 126 16.53 12.26 2.00
CA SER B 126 17.81 12.07 2.66
C SER B 126 17.70 10.60 3.11
N VAL B 127 18.69 9.82 2.68
CA VAL B 127 18.76 8.38 2.98
C VAL B 127 19.84 8.03 4.06
N TYR B 128 19.41 7.40 5.15
CA TYR B 128 20.31 7.03 6.23
C TYR B 128 20.40 5.53 6.29
N PRO B 129 21.59 4.99 6.36
CA PRO B 129 21.79 3.61 6.68
C PRO B 129 21.59 3.33 8.16
N LEU B 130 20.92 2.22 8.50
CA LEU B 130 20.76 1.81 9.89
C LEU B 130 21.53 0.54 10.25
N ALA B 131 22.56 0.61 11.10
CA ALA B 131 23.33 -0.57 11.49
C ALA B 131 23.38 -0.63 13.03
N PRO B 132 23.60 -1.75 13.74
CA PRO B 132 23.33 -1.83 15.16
C PRO B 132 24.56 -1.33 15.89
N GLY B 133 24.46 -1.11 17.20
CA GLY B 133 25.56 -0.59 17.96
C GLY B 133 26.54 -1.70 18.33
N CYS B 134 27.67 -1.41 17.69
CA CYS B 134 28.93 -2.10 17.89
C CYS B 134 29.26 -2.28 19.35
N GLY B 135 29.48 -3.54 19.70
CA GLY B 135 29.70 -4.01 21.06
C GLY B 135 28.26 -5.06 21.43
N ASP B 136 27.06 -4.53 21.19
CA ASP B 136 26.03 -4.20 22.13
C ASP B 136 24.93 -5.17 21.65
N THR B 137 24.87 -5.66 20.37
CA THR B 137 23.78 -6.51 19.88
C THR B 137 24.01 -7.12 18.45
N THR B 138 23.64 -8.45 18.36
CA THR B 138 23.52 -9.38 17.20
C THR B 138 23.01 -10.75 17.79
N GLY B 139 23.11 -11.99 17.15
CA GLY B 139 22.91 -13.33 17.75
C GLY B 139 23.23 -14.44 16.69
N SER B 140 22.33 -14.45 15.70
CA SER B 140 22.23 -15.25 14.45
C SER B 140 21.15 -14.43 13.82
N SER B 141 21.49 -13.94 12.62
CA SER B 141 20.68 -13.01 11.84
C SER B 141 20.55 -11.71 12.61
N VAL B 142 21.34 -10.81 12.08
CA VAL B 142 21.50 -9.40 11.69
C VAL B 142 20.31 -8.79 10.95
N THR B 143 19.77 -7.70 11.47
CA THR B 143 18.72 -6.92 10.83
C THR B 143 19.41 -5.59 10.55
N LEU B 144 19.51 -5.17 9.29
CA LEU B 144 19.98 -3.85 8.91
C LEU B 144 18.75 -3.07 8.39
N GLY B 145 18.77 -1.74 8.27
CA GLY B 145 17.62 -1.02 7.76
C GLY B 145 17.99 0.29 7.08
N CYS B 146 17.05 1.05 6.52
CA CYS B 146 17.34 2.35 5.86
C CYS B 146 16.15 3.30 5.96
N LEU B 147 16.50 4.49 6.42
CA LEU B 147 15.54 5.50 6.71
C LEU B 147 15.63 6.50 5.57
N VAL B 148 14.53 6.67 4.85
CA VAL B 148 14.53 7.62 3.75
C VAL B 148 13.48 8.68 4.13
N LYS B 149 14.15 9.71 4.66
CA LYS B 149 13.46 10.81 5.29
C LYS B 149 13.27 11.98 4.34
N GLY B 150 12.17 12.73 4.49
CA GLY B 150 11.99 14.03 3.86
C GLY B 150 11.89 14.16 2.35
N TYR B 151 11.24 13.21 1.67
CA TYR B 151 11.06 13.37 0.24
C TYR B 151 9.61 13.74 -0.06
N PHE B 152 9.34 14.23 -1.27
CA PHE B 152 8.00 14.53 -1.75
C PHE B 152 7.98 14.50 -3.30
N PRO B 153 6.98 14.07 -4.12
CA PRO B 153 5.75 13.38 -3.74
C PRO B 153 5.95 11.88 -3.56
N GLU B 154 4.91 11.04 -3.45
CA GLU B 154 5.20 9.64 -3.27
C GLU B 154 5.64 8.92 -4.55
N SER B 155 6.34 7.91 -3.95
CA SER B 155 7.00 6.72 -4.40
C SER B 155 8.36 6.92 -5.00
N VAL B 156 9.23 6.63 -4.07
CA VAL B 156 10.45 5.81 -3.55
C VAL B 156 10.53 4.28 -3.72
N THR B 157 11.60 3.64 -4.22
CA THR B 157 11.75 2.19 -4.09
C THR B 157 13.11 1.95 -3.49
N VAL B 158 13.17 1.02 -2.56
CA VAL B 158 14.39 0.73 -1.88
C VAL B 158 14.76 -0.62 -2.42
N THR B 159 15.91 -0.80 -3.04
CA THR B 159 16.48 -2.09 -3.45
C THR B 159 17.58 -2.52 -2.44
N TRP B 160 17.85 -3.81 -2.30
CA TRP B 160 18.82 -4.30 -1.36
C TRP B 160 19.90 -5.19 -2.02
N ASN B 161 19.51 -6.45 -2.16
CA ASN B 161 20.41 -7.54 -2.52
C ASN B 161 19.41 -8.70 -2.56
N SER B 162 19.53 -9.61 -3.53
CA SER B 162 18.49 -10.60 -3.75
C SER B 162 19.22 -11.95 -3.77
N GLY B 163 19.03 -12.73 -2.69
CA GLY B 163 19.70 -14.02 -2.51
C GLY B 163 19.17 -14.58 -1.20
N SER B 164 18.00 -15.21 -1.37
CA SER B 164 17.07 -15.74 -0.38
C SER B 164 17.44 -16.62 0.81
N LEU B 165 18.72 -16.72 1.21
CA LEU B 165 19.25 -17.27 2.43
C LEU B 165 18.89 -16.91 3.88
N SER B 166 18.27 -15.70 3.89
CA SER B 166 17.72 -14.90 4.98
C SER B 166 16.47 -14.42 4.20
N SER B 167 16.94 -13.39 3.14
CA SER B 167 17.02 -11.76 3.09
C SER B 167 15.58 -11.24 3.38
N SER B 168 15.13 -11.20 4.65
CA SER B 168 13.71 -10.91 4.92
C SER B 168 13.54 -9.41 4.85
N VAL B 169 13.41 -8.87 3.64
CA VAL B 169 13.27 -7.43 3.51
C VAL B 169 11.82 -7.07 3.86
N HIS B 170 11.64 -5.96 4.58
CA HIS B 170 10.35 -5.45 4.99
C HIS B 170 10.13 -4.05 4.43
N THR B 171 8.95 -3.61 4.00
CA THR B 171 8.79 -2.21 3.61
C THR B 171 7.71 -1.62 4.47
N PHE B 172 8.10 -0.56 5.14
CA PHE B 172 7.19 0.12 6.00
C PHE B 172 6.75 1.29 5.15
N PRO B 173 5.45 1.31 4.84
CA PRO B 173 4.79 2.41 4.15
C PRO B 173 5.19 3.80 4.59
N ALA B 174 5.17 4.75 3.65
CA ALA B 174 5.55 6.12 3.95
C ALA B 174 4.47 6.85 4.73
N LEU B 175 4.89 7.72 5.65
CA LEU B 175 3.95 8.53 6.45
C LEU B 175 4.37 9.97 6.29
N LEU B 176 3.35 10.87 6.29
CA LEU B 176 3.55 12.32 6.13
C LEU B 176 3.74 12.89 7.51
N GLN B 177 4.73 13.73 7.63
CA GLN B 177 5.04 14.33 8.90
C GLN B 177 5.79 15.59 8.51
N SER B 178 5.02 16.64 8.88
CA SER B 178 5.36 18.04 8.64
C SER B 178 5.43 18.35 7.14
N GLY B 179 4.55 17.61 6.43
CA GLY B 179 4.39 17.87 5.02
C GLY B 179 5.41 17.20 4.13
N LEU B 180 6.18 16.23 4.62
CA LEU B 180 7.05 15.41 3.79
C LEU B 180 6.78 13.98 4.13
N TYR B 181 7.28 13.18 3.21
CA TYR B 181 7.21 11.76 3.39
C TYR B 181 8.44 11.11 4.03
N THR B 182 8.12 10.11 4.85
CA THR B 182 9.09 9.21 5.44
C THR B 182 8.77 7.73 5.52
N MET B 183 9.72 6.96 5.00
CA MET B 183 9.65 5.49 5.00
C MET B 183 10.95 4.76 5.42
N SER B 184 10.85 3.45 5.65
CA SER B 184 12.01 2.66 6.00
C SER B 184 11.80 1.29 5.42
N SER B 185 12.89 0.57 5.40
CA SER B 185 12.93 -0.78 4.88
C SER B 185 13.92 -1.44 5.78
N SER B 186 13.72 -2.74 5.95
CA SER B 186 14.76 -3.50 6.64
C SER B 186 15.08 -4.66 5.74
N VAL B 187 16.26 -5.16 6.01
CA VAL B 187 16.64 -6.42 5.42
C VAL B 187 17.05 -7.19 6.68
N THR B 188 16.77 -8.46 6.81
CA THR B 188 17.46 -9.23 7.81
C THR B 188 18.20 -10.35 7.06
N VAL B 189 19.49 -10.45 7.40
CA VAL B 189 20.45 -11.39 6.82
C VAL B 189 21.08 -12.37 7.81
N PRO B 190 21.45 -13.58 7.40
CA PRO B 190 22.26 -14.47 8.21
C PRO B 190 23.63 -13.84 8.55
N SER B 191 24.06 -14.09 9.80
CA SER B 191 25.24 -13.40 10.30
C SER B 191 26.54 -13.76 9.61
N SER B 192 26.59 -14.88 8.84
CA SER B 192 27.79 -15.23 8.07
C SER B 192 28.30 -14.13 7.13
N THR B 193 27.39 -13.15 6.90
CA THR B 193 27.80 -11.94 6.28
C THR B 193 27.29 -10.79 7.13
N TRP B 194 27.88 -9.65 6.78
CA TRP B 194 27.71 -8.46 7.57
C TRP B 194 28.05 -8.87 9.01
N PRO B 195 29.34 -8.65 9.38
CA PRO B 195 30.30 -8.01 8.49
C PRO B 195 30.99 -7.88 7.10
N SER B 196 30.96 -9.18 6.79
CA SER B 196 31.92 -9.72 5.80
C SER B 196 31.67 -9.21 4.38
N GLN B 197 30.44 -9.28 3.83
CA GLN B 197 30.26 -8.78 2.49
C GLN B 197 29.30 -7.60 2.57
N THR B 198 29.29 -6.78 1.50
CA THR B 198 28.55 -5.52 1.47
C THR B 198 27.05 -5.73 1.37
N VAL B 199 26.29 -4.85 2.05
CA VAL B 199 24.86 -4.74 1.74
C VAL B 199 24.64 -3.23 1.61
N THR B 200 23.84 -2.91 0.59
CA THR B 200 23.49 -1.56 0.19
C THR B 200 21.98 -1.43 0.00
N CYS B 201 21.44 -0.28 0.38
CA CYS B 201 20.07 -0.03 0.01
C CYS B 201 20.13 1.00 -1.13
N SER B 202 19.32 0.92 -2.20
CA SER B 202 19.31 1.97 -3.22
C SER B 202 17.94 2.54 -3.19
N VAL B 203 17.84 3.85 -3.22
CA VAL B 203 16.60 4.52 -3.08
C VAL B 203 16.51 5.35 -4.31
N ALA B 204 15.48 4.95 -5.05
CA ALA B 204 15.03 5.55 -6.31
C ALA B 204 13.76 6.34 -6.15
N HIS B 205 13.85 7.66 -6.17
CA HIS B 205 12.66 8.47 -6.12
C HIS B 205 12.59 9.11 -7.50
N PRO B 206 11.76 8.55 -8.44
CA PRO B 206 11.65 8.97 -9.84
C PRO B 206 11.41 10.46 -10.06
N ALA B 207 10.99 11.39 -9.19
CA ALA B 207 11.24 12.83 -9.46
C ALA B 207 12.73 13.19 -8.99
N SER B 208 13.45 12.61 -9.99
CA SER B 208 14.85 12.41 -10.41
C SER B 208 16.10 11.79 -9.76
N SER B 209 16.05 11.16 -8.58
CA SER B 209 17.31 10.69 -7.96
C SER B 209 17.47 9.23 -7.61
N THR B 210 18.72 8.84 -7.68
CA THR B 210 19.04 7.57 -7.06
C THR B 210 20.20 7.79 -6.11
N THR B 211 19.99 7.34 -4.86
CA THR B 211 21.04 7.28 -3.84
C THR B 211 21.21 5.76 -3.50
N VAL B 212 22.42 5.36 -3.09
CA VAL B 212 22.86 3.98 -2.86
C VAL B 212 23.69 4.06 -1.59
N ASP B 213 23.29 3.47 -0.48
CA ASP B 213 23.98 3.66 0.75
C ASP B 213 24.39 2.34 1.34
N LYS B 214 25.58 2.40 1.91
CA LYS B 214 26.27 1.21 2.29
C LYS B 214 26.18 1.09 3.80
N LYS B 215 26.07 -0.17 4.23
CA LYS B 215 25.99 -0.55 5.65
C LYS B 215 27.39 -1.08 5.94
N LEU B 216 28.03 -0.11 6.58
CA LEU B 216 29.41 -0.12 7.02
C LEU B 216 29.25 -0.09 8.52
N GLU B 217 30.29 -0.65 9.12
CA GLU B 217 30.59 -0.88 10.53
C GLU B 217 30.50 -2.40 10.51
#